data_5HU9
#
_entry.id   5HU9
#
_cell.length_a   37.852
_cell.length_b   108.435
_cell.length_c   146.295
_cell.angle_alpha   90.00
_cell.angle_beta   90.00
_cell.angle_gamma   90.00
#
_symmetry.space_group_name_H-M   'C 2 2 21'
#
loop_
_entity.id
_entity.type
_entity.pdbx_description
1 polymer 'Tyrosine-protein kinase ABL1'
2 non-polymer 4-[(4-methylpiperazin-1-yl)methyl]-N-(4-methyl-3-{[1-(pyridin-3-ylcarbonyl)piperidin-4-yl]oxy}phenyl)-3-(trifluoromethyl)benzamide
3 non-polymer 1,2-ETHANEDIOL
4 non-polymer 'CHLORIDE ION'
5 water water
#
_entity_poly.entity_id   1
_entity_poly.type   'polypeptide(L)'
_entity_poly.pdbx_seq_one_letter_code
;GAMGSSPNYDKWEMERTDITMKHKLGGGQYGEVYEGVWKKYSLTVAVKTLKEDTMEVEEFLKEAAVMKEIKHPNLVQLLG
VCTREPPFYIITEFMTYGNLLDYLRECNRQEVNAVVLLYMATQISSAMEYLEKKNFIHRDLAARNCLVGENHLVKVADFG
LSRLMTGDTYTAHAGAKFPIKWTAPESLAYNKFSIKSDVWAFGVLLWEIATYGMSPYPGIDLSQVYELLEKDYRMERPEG
CPEKVYELMRACWQWNPSDRPSFAEIHQAFETMFQES
;
_entity_poly.pdbx_strand_id   A
#
loop_
_chem_comp.id
_chem_comp.type
_chem_comp.name
_chem_comp.formula
66K non-polymer 4-[(4-methylpiperazin-1-yl)methyl]-N-(4-methyl-3-{[1-(pyridin-3-ylcarbonyl)piperidin-4-yl]oxy}phenyl)-3-(trifluoromethyl)benzamide 'C32 H36 F3 N5 O3'
CL non-polymer 'CHLORIDE ION' 'Cl -1'
EDO non-polymer 1,2-ETHANEDIOL 'C2 H6 O2'
#
# COMPACT_ATOMS: atom_id res chain seq x y z
N ALA A 2 -12.60 -4.31 33.50
CA ALA A 2 -12.30 -3.14 32.69
C ALA A 2 -12.10 -1.93 33.58
N MET A 3 -11.29 -0.99 33.10
CA MET A 3 -11.06 0.29 33.78
C MET A 3 -12.38 1.04 33.87
N GLY A 4 -13.21 0.91 32.84
CA GLY A 4 -14.50 1.59 32.82
C GLY A 4 -15.68 0.90 33.48
N SER A 5 -15.47 -0.32 33.98
CA SER A 5 -16.47 -1.10 34.69
C SER A 5 -17.53 -1.76 33.81
N SER A 6 -17.24 -1.87 32.53
CA SER A 6 -18.15 -2.44 31.55
C SER A 6 -17.71 -3.83 31.19
N PRO A 7 -18.67 -4.67 30.83
CA PRO A 7 -18.39 -6.04 30.39
C PRO A 7 -17.96 -6.15 28.92
N ASN A 8 -18.14 -5.09 28.15
CA ASN A 8 -17.68 -5.08 26.78
C ASN A 8 -16.19 -4.81 26.75
N TYR A 9 -15.50 -5.42 25.82
CA TYR A 9 -14.08 -5.29 25.77
C TYR A 9 -13.63 -5.52 24.37
N ASP A 10 -12.41 -5.08 24.08
CA ASP A 10 -11.78 -5.28 22.81
C ASP A 10 -10.39 -5.79 23.08
N LYS A 11 -10.10 -7.00 22.65
CA LYS A 11 -8.82 -7.64 22.91
CA LYS A 11 -8.83 -7.65 22.88
C LYS A 11 -7.63 -6.89 22.28
N TRP A 12 -7.91 -6.19 21.20
CA TRP A 12 -6.92 -5.40 20.52
C TRP A 12 -6.40 -4.19 21.31
N GLU A 13 -7.19 -3.67 22.24
CA GLU A 13 -6.84 -2.48 22.98
C GLU A 13 -5.72 -2.80 23.93
N MET A 14 -4.63 -2.08 23.81
CA MET A 14 -3.44 -2.37 24.58
C MET A 14 -3.10 -1.27 25.59
N GLU A 15 -2.18 -1.55 26.49
CA GLU A 15 -1.92 -0.55 27.53
CA GLU A 15 -1.84 -0.62 27.53
C GLU A 15 -0.83 0.26 26.94
N ARG A 16 -1.21 1.52 26.98
CA ARG A 16 -0.33 2.52 26.41
C ARG A 16 0.96 2.66 27.21
N THR A 17 0.91 2.35 28.50
CA THR A 17 2.14 2.45 29.28
C THR A 17 3.24 1.47 28.87
N ASP A 18 2.85 0.43 28.16
CA ASP A 18 3.77 -0.58 27.69
C ASP A 18 4.46 -0.22 26.39
N ILE A 19 4.15 0.93 25.83
CA ILE A 19 4.76 1.35 24.59
C ILE A 19 5.71 2.50 24.84
N THR A 20 6.94 2.37 24.38
CA THR A 20 7.88 3.47 24.45
C THR A 20 7.92 4.12 23.07
N MET A 21 7.66 5.41 23.01
CA MET A 21 7.59 6.10 21.74
C MET A 21 8.95 6.67 21.39
N LYS A 22 9.50 6.20 20.28
CA LYS A 22 10.77 6.69 19.78
C LYS A 22 10.55 7.74 18.71
N HIS A 23 11.56 7.93 17.88
CA HIS A 23 11.56 8.97 16.86
C HIS A 23 10.48 8.75 15.80
N LYS A 24 10.00 9.85 15.24
CA LYS A 24 9.10 9.80 14.10
C LYS A 24 9.87 9.20 12.94
N LEU A 25 9.24 8.31 12.19
CA LEU A 25 9.89 7.71 11.05
C LEU A 25 10.14 8.70 9.95
N GLY A 26 11.31 8.65 9.37
CA GLY A 26 11.63 9.54 8.28
C GLY A 26 11.78 10.97 8.77
N GLY A 27 11.86 11.13 10.07
CA GLY A 27 11.88 12.43 10.69
C GLY A 27 10.72 13.32 10.35
N GLY A 28 9.55 12.73 10.17
CA GLY A 28 8.34 13.45 9.82
C GLY A 28 7.89 13.56 8.39
N GLN A 29 8.65 13.03 7.48
CA GLN A 29 8.20 13.06 6.12
C GLN A 29 7.00 12.13 5.85
N TYR A 30 6.78 11.17 6.71
CA TYR A 30 5.76 10.17 6.49
C TYR A 30 4.51 10.41 7.35
N GLY A 31 4.36 11.61 7.86
CA GLY A 31 3.26 11.91 8.73
C GLY A 31 3.46 11.41 10.14
N GLU A 32 2.39 11.27 10.89
CA GLU A 32 2.48 10.89 12.29
C GLU A 32 2.64 9.40 12.51
N VAL A 33 3.74 8.86 12.04
CA VAL A 33 4.06 7.47 12.27
CA VAL A 33 4.09 7.46 12.30
C VAL A 33 5.40 7.35 12.98
N TYR A 34 5.55 6.51 14.01
CA TYR A 34 6.75 6.50 14.84
C TYR A 34 7.29 5.09 15.02
N GLU A 35 8.58 4.99 15.28
CA GLU A 35 9.17 3.78 15.80
C GLU A 35 8.85 3.76 17.25
N GLY A 36 8.63 2.59 17.80
CA GLY A 36 8.34 2.38 19.20
C GLY A 36 8.76 1.01 19.65
N VAL A 37 8.80 0.81 20.96
CA VAL A 37 9.11 -0.48 21.51
C VAL A 37 8.01 -0.96 22.42
N TRP A 38 7.57 -2.20 22.22
CA TRP A 38 6.60 -2.79 23.10
C TRP A 38 7.45 -3.47 24.13
N LYS A 39 7.52 -2.86 25.30
CA LYS A 39 8.49 -3.17 26.33
C LYS A 39 8.32 -4.59 26.83
N LYS A 40 7.08 -5.05 26.84
CA LYS A 40 6.74 -6.35 27.33
C LYS A 40 7.48 -7.43 26.56
N TYR A 41 7.62 -7.24 25.25
CA TYR A 41 8.38 -8.18 24.43
C TYR A 41 9.72 -7.68 23.89
N SER A 42 10.17 -6.52 24.34
CA SER A 42 11.38 -5.99 23.79
C SER A 42 11.26 -6.01 22.25
N LEU A 43 10.09 -5.66 21.75
CA LEU A 43 9.77 -5.73 20.32
C LEU A 43 9.64 -4.37 19.70
N THR A 44 10.42 -4.10 18.69
CA THR A 44 10.31 -2.87 17.94
C THR A 44 9.01 -2.93 17.14
N VAL A 45 8.28 -1.84 17.18
CA VAL A 45 6.96 -1.74 16.57
C VAL A 45 6.83 -0.39 15.85
N ALA A 46 5.78 -0.23 15.06
CA ALA A 46 5.49 1.02 14.39
C ALA A 46 4.17 1.52 14.99
N VAL A 47 4.06 2.81 15.25
CA VAL A 47 2.86 3.38 15.85
C VAL A 47 2.38 4.59 15.06
N LYS A 48 1.09 4.58 14.72
CA LYS A 48 0.45 5.68 14.04
C LYS A 48 -0.42 6.44 15.00
N THR A 49 -0.34 7.75 14.96
CA THR A 49 -1.17 8.56 15.79
C THR A 49 -1.79 9.69 15.00
N LEU A 50 -2.50 10.52 15.74
CA LEU A 50 -3.36 11.48 15.12
C LEU A 50 -3.14 12.77 15.83
N LYS A 51 -3.50 13.85 15.19
CA LYS A 51 -3.53 15.05 15.93
C LYS A 51 -5.07 15.42 15.86
N GLU A 52 -5.77 15.19 16.96
CA GLU A 52 -7.24 15.21 17.02
C GLU A 52 -8.03 16.52 16.87
N ASP A 53 -7.44 17.62 17.32
CA ASP A 53 -8.07 18.92 17.13
C ASP A 53 -8.21 19.26 15.65
N THR A 54 -7.23 18.85 14.87
CA THR A 54 -7.23 19.15 13.46
C THR A 54 -7.57 17.97 12.52
N MET A 55 -7.50 16.75 13.04
CA MET A 55 -7.62 15.58 12.19
C MET A 55 -8.95 14.84 12.34
N GLU A 56 -9.23 13.97 11.40
CA GLU A 56 -10.44 13.25 11.43
C GLU A 56 -10.33 11.98 12.29
N VAL A 57 -10.89 12.06 13.47
CA VAL A 57 -10.88 10.96 14.39
C VAL A 57 -11.73 9.83 13.85
N GLU A 58 -12.83 10.17 13.18
CA GLU A 58 -13.71 9.14 12.65
C GLU A 58 -12.92 8.24 11.72
N GLU A 59 -12.12 8.85 10.86
CA GLU A 59 -11.33 8.10 9.90
C GLU A 59 -10.30 7.22 10.59
N PHE A 60 -9.68 7.70 11.64
CA PHE A 60 -8.73 6.91 12.39
C PHE A 60 -9.36 5.68 13.03
N LEU A 61 -10.50 5.86 13.67
CA LEU A 61 -11.21 4.77 14.30
C LEU A 61 -11.66 3.70 13.30
N LYS A 62 -12.09 4.17 12.14
CA LYS A 62 -12.48 3.30 11.05
C LYS A 62 -11.29 2.51 10.54
N GLU A 63 -10.14 3.16 10.45
CA GLU A 63 -8.92 2.48 10.06
C GLU A 63 -8.59 1.42 11.07
N ALA A 64 -8.68 1.74 12.34
CA ALA A 64 -8.36 0.74 13.34
C ALA A 64 -9.30 -0.43 13.21
N ALA A 65 -10.56 -0.13 12.97
CA ALA A 65 -11.55 -1.18 12.86
C ALA A 65 -11.31 -2.09 11.69
N VAL A 66 -11.00 -1.51 10.54
CA VAL A 66 -10.80 -2.39 9.42
CA VAL A 66 -10.81 -2.43 9.44
C VAL A 66 -9.60 -3.31 9.59
N MET A 67 -8.55 -2.76 10.15
CA MET A 67 -7.32 -3.49 10.35
C MET A 67 -7.52 -4.71 11.21
N LYS A 68 -8.51 -4.69 12.08
CA LYS A 68 -8.86 -5.83 12.90
C LYS A 68 -9.44 -6.96 12.09
N GLU A 69 -9.89 -6.68 10.89
CA GLU A 69 -10.49 -7.70 10.07
C GLU A 69 -9.59 -8.29 9.04
N ILE A 70 -8.35 -7.86 9.02
CA ILE A 70 -7.44 -8.21 7.96
C ILE A 70 -6.31 -9.07 8.44
N LYS A 71 -6.22 -10.29 7.95
CA LYS A 71 -5.04 -11.10 8.20
C LYS A 71 -4.57 -11.77 6.93
N HIS A 72 -3.35 -11.48 6.49
CA HIS A 72 -2.79 -12.12 5.33
C HIS A 72 -1.26 -12.01 5.36
N PRO A 73 -0.55 -12.94 4.76
CA PRO A 73 0.90 -12.89 4.80
C PRO A 73 1.46 -11.66 4.15
N ASN A 74 0.75 -11.10 3.21
CA ASN A 74 1.22 -9.96 2.50
C ASN A 74 0.53 -8.62 2.84
N LEU A 75 -0.12 -8.59 3.99
CA LEU A 75 -0.70 -7.37 4.50
C LEU A 75 -0.12 -7.07 5.87
N VAL A 76 0.22 -5.81 6.09
CA VAL A 76 0.86 -5.44 7.33
C VAL A 76 0.03 -5.88 8.52
N GLN A 77 0.69 -6.31 9.57
CA GLN A 77 0.03 -6.92 10.64
CA GLN A 77 0.06 -7.00 10.69
C GLN A 77 -0.20 -6.01 11.83
N LEU A 78 -1.46 -5.85 12.13
CA LEU A 78 -1.88 -5.09 13.29
C LEU A 78 -1.45 -5.81 14.55
N LEU A 79 -0.90 -5.07 15.51
CA LEU A 79 -0.61 -5.63 16.81
C LEU A 79 -1.57 -5.17 17.91
N GLY A 80 -1.97 -3.91 17.88
CA GLY A 80 -2.85 -3.40 18.89
C GLY A 80 -3.31 -2.01 18.61
N VAL A 81 -4.22 -1.51 19.43
CA VAL A 81 -4.63 -0.14 19.34
C VAL A 81 -4.76 0.50 20.75
N CYS A 82 -4.70 1.81 20.80
CA CYS A 82 -5.14 2.62 21.95
C CYS A 82 -6.09 3.68 21.43
N THR A 83 -7.35 3.38 21.49
CA THR A 83 -8.31 4.23 20.86
C THR A 83 -9.44 4.71 21.75
N ARG A 84 -9.36 4.46 23.03
CA ARG A 84 -10.33 4.99 23.98
C ARG A 84 -10.27 6.51 24.25
N GLU A 85 -9.06 7.04 24.27
CA GLU A 85 -8.81 8.45 24.48
C GLU A 85 -7.46 8.78 23.88
N PRO A 86 -7.20 10.06 23.66
CA PRO A 86 -5.94 10.51 23.10
C PRO A 86 -4.79 10.37 24.08
N PRO A 87 -3.57 10.27 23.57
CA PRO A 87 -3.33 10.20 22.13
C PRO A 87 -3.77 8.86 21.56
N PHE A 88 -4.37 8.88 20.39
CA PHE A 88 -4.85 7.66 19.75
C PHE A 88 -3.71 6.94 19.02
N TYR A 89 -3.61 5.64 19.21
CA TYR A 89 -2.57 4.85 18.55
C TYR A 89 -3.13 3.62 17.83
N ILE A 90 -2.50 3.31 16.70
CA ILE A 90 -2.59 2.04 16.02
C ILE A 90 -1.18 1.50 15.93
N ILE A 91 -0.97 0.29 16.39
CA ILE A 91 0.36 -0.27 16.49
C ILE A 91 0.46 -1.48 15.56
N THR A 92 1.50 -1.51 14.77
CA THR A 92 1.73 -2.59 13.82
C THR A 92 3.12 -3.11 13.99
N GLU A 93 3.37 -4.19 13.30
CA GLU A 93 4.74 -4.66 13.12
C GLU A 93 5.58 -3.62 12.41
N PHE A 94 6.90 -3.71 12.62
CA PHE A 94 7.85 -2.83 12.02
C PHE A 94 8.57 -3.64 10.93
N MET A 95 8.50 -3.17 9.70
CA MET A 95 9.10 -3.91 8.61
C MET A 95 10.49 -3.37 8.35
N THR A 96 11.47 -4.23 8.52
CA THR A 96 12.88 -3.93 8.59
CA THR A 96 12.85 -3.84 8.66
C THR A 96 13.40 -2.97 7.54
N TYR A 97 13.04 -3.18 6.28
CA TYR A 97 13.60 -2.40 5.21
C TYR A 97 12.75 -1.25 4.71
N GLY A 98 11.64 -1.01 5.37
CA GLY A 98 10.86 0.16 5.09
C GLY A 98 10.07 0.12 3.79
N ASN A 99 9.75 1.29 3.27
CA ASN A 99 8.88 1.38 2.11
C ASN A 99 9.54 0.89 0.85
N LEU A 100 8.73 0.29 0.02
CA LEU A 100 9.16 -0.29 -1.22
C LEU A 100 9.74 0.71 -2.21
N LEU A 101 9.21 1.91 -2.29
CA LEU A 101 9.71 2.85 -3.28
C LEU A 101 11.15 3.21 -3.05
N ASP A 102 11.51 3.54 -1.82
CA ASP A 102 12.89 3.80 -1.49
C ASP A 102 13.75 2.56 -1.61
N TYR A 103 13.21 1.41 -1.27
CA TYR A 103 13.96 0.17 -1.40
C TYR A 103 14.36 -0.10 -2.83
N LEU A 104 13.43 0.08 -3.75
CA LEU A 104 13.73 -0.13 -5.15
C LEU A 104 14.77 0.83 -5.66
N ARG A 105 14.65 2.06 -5.21
CA ARG A 105 15.55 3.09 -5.60
C ARG A 105 16.97 2.87 -5.14
N GLU A 106 17.12 2.26 -3.98
CA GLU A 106 18.38 2.14 -3.27
C GLU A 106 19.03 0.76 -3.28
N CYS A 107 18.34 -0.20 -3.81
CA CYS A 107 18.76 -1.59 -3.75
C CYS A 107 19.91 -1.94 -4.66
N ASN A 108 20.53 -3.05 -4.32
CA ASN A 108 21.55 -3.65 -5.14
C ASN A 108 20.84 -4.50 -6.18
N ARG A 109 20.94 -4.07 -7.41
CA ARG A 109 20.22 -4.65 -8.49
C ARG A 109 20.67 -6.01 -8.88
N GLN A 110 21.89 -6.35 -8.54
CA GLN A 110 22.34 -7.72 -8.67
C GLN A 110 21.61 -8.69 -7.75
N GLU A 111 21.37 -8.28 -6.51
CA GLU A 111 20.53 -9.04 -5.59
C GLU A 111 19.06 -8.97 -5.99
N VAL A 112 18.60 -7.75 -6.16
CA VAL A 112 17.22 -7.51 -6.47
C VAL A 112 17.05 -7.42 -7.96
N ASN A 113 17.12 -8.56 -8.61
CA ASN A 113 17.13 -8.63 -10.04
C ASN A 113 15.72 -8.75 -10.57
N ALA A 114 15.58 -8.99 -11.86
CA ALA A 114 14.26 -9.03 -12.49
C ALA A 114 13.34 -10.08 -11.90
N VAL A 115 13.92 -11.19 -11.48
CA VAL A 115 13.16 -12.18 -10.86
C VAL A 115 12.54 -11.74 -9.52
N VAL A 116 13.31 -11.03 -8.72
CA VAL A 116 12.87 -10.55 -7.44
C VAL A 116 11.78 -9.53 -7.65
N LEU A 117 11.89 -8.72 -8.67
CA LEU A 117 10.83 -7.76 -8.97
C LEU A 117 9.53 -8.49 -9.29
N LEU A 118 9.62 -9.58 -10.02
CA LEU A 118 8.45 -10.36 -10.28
C LEU A 118 7.88 -10.94 -9.00
N TYR A 119 8.72 -11.39 -8.10
CA TYR A 119 8.24 -11.92 -6.84
C TYR A 119 7.52 -10.84 -6.04
N MET A 120 8.02 -9.64 -6.07
CA MET A 120 7.37 -8.55 -5.36
C MET A 120 5.99 -8.29 -5.93
N ALA A 121 5.87 -8.33 -7.22
CA ALA A 121 4.60 -8.20 -7.85
C ALA A 121 3.61 -9.28 -7.49
N THR A 122 4.07 -10.52 -7.46
CA THR A 122 3.19 -11.59 -7.11
C THR A 122 2.69 -11.48 -5.68
N GLN A 123 3.54 -11.07 -4.77
CA GLN A 123 3.16 -10.91 -3.40
C GLN A 123 2.07 -9.83 -3.23
N ILE A 124 2.23 -8.71 -3.91
CA ILE A 124 1.24 -7.64 -3.88
C ILE A 124 -0.08 -8.09 -4.47
N SER A 125 -0.01 -8.86 -5.53
CA SER A 125 -1.15 -9.43 -6.21
CA SER A 125 -1.15 -9.43 -6.21
C SER A 125 -1.94 -10.31 -5.26
N SER A 126 -1.20 -11.08 -4.48
CA SER A 126 -1.82 -11.88 -3.51
CA SER A 126 -1.75 -11.83 -3.54
C SER A 126 -2.56 -11.08 -2.46
N ALA A 127 -1.94 -10.01 -1.98
CA ALA A 127 -2.56 -9.21 -0.97
C ALA A 127 -3.84 -8.57 -1.48
N MET A 128 -3.78 -8.05 -2.69
CA MET A 128 -4.93 -7.43 -3.29
C MET A 128 -6.07 -8.41 -3.59
N GLU A 129 -5.72 -9.62 -3.94
CA GLU A 129 -6.73 -10.64 -4.13
C GLU A 129 -7.48 -10.84 -2.84
N TYR A 130 -6.78 -10.85 -1.73
CA TYR A 130 -7.40 -10.98 -0.43
C TYR A 130 -8.33 -9.83 -0.07
N LEU A 131 -7.91 -8.61 -0.31
CA LEU A 131 -8.74 -7.45 -0.07
C LEU A 131 -9.97 -7.45 -0.93
N GLU A 132 -9.80 -7.88 -2.16
CA GLU A 132 -10.94 -7.96 -3.05
C GLU A 132 -12.00 -8.94 -2.55
N LYS A 133 -11.57 -10.07 -2.05
CA LYS A 133 -12.46 -11.07 -1.52
C LYS A 133 -13.22 -10.53 -0.33
N LYS A 134 -12.55 -9.69 0.44
CA LYS A 134 -13.12 -9.11 1.63
C LYS A 134 -13.98 -7.90 1.29
N ASN A 135 -13.96 -7.51 0.03
CA ASN A 135 -14.59 -6.28 -0.41
C ASN A 135 -14.08 -5.04 0.31
N PHE A 136 -12.80 -4.97 0.54
CA PHE A 136 -12.17 -3.77 1.00
C PHE A 136 -11.54 -3.07 -0.18
N ILE A 137 -11.58 -1.74 -0.18
CA ILE A 137 -10.97 -0.93 -1.22
C ILE A 137 -9.76 -0.24 -0.60
N HIS A 138 -8.58 -0.42 -1.19
CA HIS A 138 -7.43 0.21 -0.60
C HIS A 138 -7.45 1.72 -0.72
N ARG A 139 -7.68 2.18 -1.94
CA ARG A 139 -7.84 3.59 -2.25
C ARG A 139 -6.55 4.39 -2.45
N ASP A 140 -5.41 3.82 -2.10
CA ASP A 140 -4.13 4.50 -2.27
C ASP A 140 -2.98 3.56 -2.53
N LEU A 141 -3.18 2.58 -3.40
CA LEU A 141 -2.14 1.65 -3.76
C LEU A 141 -1.02 2.27 -4.55
N ALA A 142 0.19 2.07 -4.08
CA ALA A 142 1.38 2.60 -4.65
C ALA A 142 2.60 2.03 -3.92
N ALA A 143 3.76 2.14 -4.52
CA ALA A 143 4.96 1.59 -3.93
C ALA A 143 5.30 2.21 -2.59
N ARG A 144 5.00 3.49 -2.44
CA ARG A 144 5.32 4.22 -1.22
C ARG A 144 4.56 3.62 -0.04
N ASN A 145 3.47 2.93 -0.33
CA ASN A 145 2.64 2.35 0.71
C ASN A 145 2.88 0.86 0.93
N CYS A 146 3.84 0.31 0.20
CA CYS A 146 4.21 -1.08 0.40
C CYS A 146 5.49 -1.18 1.23
N LEU A 147 5.69 -2.33 1.86
CA LEU A 147 6.79 -2.53 2.79
C LEU A 147 7.64 -3.74 2.47
N VAL A 148 8.90 -3.66 2.84
CA VAL A 148 9.84 -4.73 2.61
C VAL A 148 10.44 -5.24 3.89
N GLY A 149 10.38 -6.55 4.03
CA GLY A 149 10.88 -7.28 5.17
C GLY A 149 12.03 -8.22 4.87
N GLU A 150 12.31 -9.13 5.78
CA GLU A 150 13.32 -10.12 5.55
C GLU A 150 12.84 -11.09 4.50
N ASN A 151 13.79 -11.74 3.84
CA ASN A 151 13.51 -12.76 2.87
C ASN A 151 12.73 -12.26 1.64
N HIS A 152 12.96 -11.02 1.31
CA HIS A 152 12.34 -10.34 0.21
C HIS A 152 10.85 -10.30 0.35
N LEU A 153 10.38 -10.36 1.57
CA LEU A 153 8.96 -10.28 1.84
C LEU A 153 8.43 -8.86 1.61
N VAL A 154 7.29 -8.79 0.96
CA VAL A 154 6.64 -7.55 0.65
C VAL A 154 5.20 -7.58 1.15
N LYS A 155 4.78 -6.50 1.79
CA LYS A 155 3.45 -6.35 2.33
C LYS A 155 2.83 -5.03 1.89
N VAL A 156 1.54 -5.05 1.64
CA VAL A 156 0.78 -3.87 1.35
C VAL A 156 0.37 -3.24 2.67
N ALA A 157 0.47 -1.92 2.73
CA ALA A 157 0.11 -1.14 3.89
C ALA A 157 -0.48 0.18 3.44
N ASP A 158 -0.81 1.04 4.39
CA ASP A 158 -1.24 2.40 4.08
C ASP A 158 -0.69 3.39 5.09
N PHE A 159 0.22 4.25 4.68
CA PHE A 159 0.78 5.30 5.55
C PHE A 159 -0.27 6.38 5.85
N GLY A 160 -1.22 6.52 4.96
CA GLY A 160 -2.34 7.41 5.22
C GLY A 160 -2.22 8.82 4.69
N LEU A 161 -1.25 9.05 3.82
CA LEU A 161 -0.93 10.39 3.36
C LEU A 161 -1.87 10.95 2.31
N SER A 162 -2.56 10.10 1.57
CA SER A 162 -3.35 10.63 0.47
C SER A 162 -4.50 11.48 0.96
N ARG A 163 -4.67 12.63 0.33
CA ARG A 163 -5.70 13.59 0.69
C ARG A 163 -6.89 13.55 -0.24
N LEU A 164 -6.87 12.64 -1.20
CA LEU A 164 -7.94 12.57 -2.16
C LEU A 164 -9.23 12.14 -1.50
N MET A 165 -10.27 12.94 -1.68
CA MET A 165 -11.53 12.68 -1.02
C MET A 165 -12.50 11.84 -1.83
N THR A 171 14.28 10.75 -1.76
CA THR A 171 13.34 9.96 -1.00
C THR A 171 12.08 10.75 -0.72
N ALA A 172 11.81 11.77 -1.52
CA ALA A 172 10.72 12.72 -1.28
C ALA A 172 9.26 12.25 -1.31
N HIS A 173 8.89 11.44 -2.29
CA HIS A 173 7.49 11.06 -2.52
C HIS A 173 6.51 12.24 -2.73
N ALA A 174 6.82 13.08 -3.71
CA ALA A 174 6.07 14.30 -3.99
C ALA A 174 4.58 14.06 -4.24
N GLY A 175 4.23 12.90 -4.77
CA GLY A 175 2.86 12.55 -5.09
C GLY A 175 2.04 11.94 -3.96
N ALA A 176 2.60 11.84 -2.76
CA ALA A 176 1.94 11.17 -1.66
C ALA A 176 0.60 11.77 -1.26
N LYS A 177 0.52 13.08 -1.23
CA LYS A 177 -0.72 13.72 -0.88
C LYS A 177 -1.82 13.68 -1.90
N PHE A 178 -1.45 13.90 -3.15
CA PHE A 178 -2.37 13.93 -4.27
C PHE A 178 -1.83 13.06 -5.39
N PRO A 179 -2.02 11.77 -5.26
CA PRO A 179 -1.42 10.83 -6.19
C PRO A 179 -2.23 10.68 -7.49
N ILE A 180 -2.24 11.78 -8.21
CA ILE A 180 -3.04 11.87 -9.41
C ILE A 180 -2.59 10.80 -10.41
N LYS A 181 -1.30 10.55 -10.46
CA LYS A 181 -0.69 9.62 -11.39
C LYS A 181 -1.00 8.15 -11.14
N TRP A 182 -1.55 7.85 -9.98
CA TRP A 182 -1.97 6.52 -9.65
C TRP A 182 -3.50 6.35 -9.71
N THR A 183 -4.24 7.39 -10.04
CA THR A 183 -5.67 7.42 -9.82
C THR A 183 -6.47 7.22 -11.12
N ALA A 184 -7.40 6.30 -11.10
CA ALA A 184 -8.14 5.90 -12.28
C ALA A 184 -8.97 7.08 -12.79
N PRO A 185 -9.26 7.09 -14.08
CA PRO A 185 -9.92 8.24 -14.68
C PRO A 185 -11.29 8.52 -14.08
N GLU A 186 -12.06 7.51 -13.81
CA GLU A 186 -13.33 7.66 -13.16
C GLU A 186 -13.21 8.23 -11.74
N SER A 187 -12.15 7.85 -11.06
CA SER A 187 -11.88 8.38 -9.75
C SER A 187 -11.54 9.85 -9.81
N LEU A 188 -10.75 10.24 -10.78
CA LEU A 188 -10.47 11.64 -10.99
C LEU A 188 -11.66 12.48 -11.43
N ALA A 189 -12.41 11.97 -12.38
CA ALA A 189 -13.48 12.74 -12.97
C ALA A 189 -14.73 12.74 -12.16
N TYR A 190 -15.06 11.60 -11.59
CA TYR A 190 -16.30 11.45 -10.87
C TYR A 190 -16.17 10.97 -9.43
N ASN A 191 -14.95 10.89 -8.94
CA ASN A 191 -14.72 10.52 -7.55
C ASN A 191 -15.22 9.15 -7.18
N LYS A 192 -15.23 8.24 -8.13
CA LYS A 192 -15.67 6.91 -7.86
C LYS A 192 -14.42 6.07 -7.61
N PHE A 193 -14.28 5.54 -6.42
CA PHE A 193 -13.17 4.67 -6.02
C PHE A 193 -13.76 3.27 -5.78
N SER A 194 -13.10 2.24 -6.27
CA SER A 194 -13.60 0.89 -6.25
C SER A 194 -12.44 -0.06 -6.33
N ILE A 195 -12.74 -1.34 -6.27
CA ILE A 195 -11.70 -2.32 -6.41
C ILE A 195 -11.07 -2.17 -7.77
N LYS A 196 -11.89 -1.86 -8.75
CA LYS A 196 -11.38 -1.58 -10.06
C LYS A 196 -10.45 -0.37 -10.18
N SER A 197 -10.68 0.67 -9.42
CA SER A 197 -9.69 1.70 -9.35
C SER A 197 -8.35 1.29 -8.67
N ASP A 198 -8.46 0.37 -7.71
CA ASP A 198 -7.28 -0.21 -7.12
C ASP A 198 -6.53 -1.00 -8.19
N VAL A 199 -7.27 -1.68 -9.04
CA VAL A 199 -6.63 -2.42 -10.12
C VAL A 199 -5.83 -1.48 -11.01
N TRP A 200 -6.38 -0.32 -11.32
CA TRP A 200 -5.67 0.65 -12.11
C TRP A 200 -4.39 1.06 -11.43
N ALA A 201 -4.46 1.35 -10.14
CA ALA A 201 -3.28 1.71 -9.38
C ALA A 201 -2.26 0.59 -9.35
N PHE A 202 -2.75 -0.62 -9.28
CA PHE A 202 -1.85 -1.74 -9.26
C PHE A 202 -1.01 -1.75 -10.53
N GLY A 203 -1.62 -1.40 -11.64
CA GLY A 203 -0.86 -1.34 -12.86
C GLY A 203 0.24 -0.31 -12.77
N VAL A 204 -0.04 0.84 -12.16
CA VAL A 204 0.98 1.82 -11.97
C VAL A 204 2.11 1.33 -11.03
N LEU A 205 1.70 0.64 -9.99
CA LEU A 205 2.65 0.06 -9.09
C LEU A 205 3.55 -0.97 -9.79
N LEU A 206 2.98 -1.75 -10.68
CA LEU A 206 3.79 -2.66 -11.47
C LEU A 206 4.83 -1.93 -12.26
N TRP A 207 4.49 -0.78 -12.82
CA TRP A 207 5.42 0.06 -13.54
C TRP A 207 6.52 0.61 -12.62
N GLU A 208 6.13 1.00 -11.42
CA GLU A 208 7.10 1.49 -10.46
C GLU A 208 8.09 0.38 -10.14
N ILE A 209 7.61 -0.82 -9.98
CA ILE A 209 8.50 -1.92 -9.67
C ILE A 209 9.46 -2.22 -10.82
N ALA A 210 8.92 -2.24 -12.01
CA ALA A 210 9.63 -2.58 -13.22
C ALA A 210 10.74 -1.59 -13.53
N THR A 211 10.58 -0.35 -13.11
CA THR A 211 11.53 0.71 -13.30
C THR A 211 12.47 1.00 -12.14
N TYR A 212 12.43 0.15 -11.14
CA TYR A 212 13.16 0.40 -9.92
C TYR A 212 12.79 1.75 -9.28
N GLY A 213 11.51 2.07 -9.26
CA GLY A 213 11.02 3.25 -8.60
C GLY A 213 11.04 4.58 -9.29
N MET A 214 10.93 4.56 -10.60
CA MET A 214 10.80 5.82 -11.29
CA MET A 214 10.83 5.83 -11.30
C MET A 214 9.47 6.42 -11.04
N SER A 215 9.39 7.74 -11.15
CA SER A 215 8.10 8.39 -11.15
C SER A 215 7.30 8.14 -12.41
N PRO A 216 6.03 7.92 -12.25
CA PRO A 216 5.18 7.62 -13.39
C PRO A 216 5.01 8.82 -14.30
N TYR A 217 4.71 8.54 -15.57
CA TYR A 217 4.48 9.57 -16.58
C TYR A 217 5.57 10.60 -16.54
N PRO A 218 6.81 10.17 -16.72
CA PRO A 218 7.93 11.05 -16.46
C PRO A 218 7.92 12.29 -17.31
N GLY A 219 8.17 13.42 -16.70
CA GLY A 219 8.25 14.68 -17.38
C GLY A 219 6.91 15.31 -17.74
N ILE A 220 5.82 14.63 -17.38
CA ILE A 220 4.47 15.07 -17.64
C ILE A 220 3.84 15.72 -16.44
N ASP A 221 3.28 16.89 -16.65
CA ASP A 221 2.67 17.69 -15.62
C ASP A 221 1.42 17.06 -15.13
N LEU A 222 1.08 17.28 -13.88
CA LEU A 222 -0.08 16.65 -13.30
C LEU A 222 -1.31 17.02 -14.03
N SER A 223 -1.39 18.25 -14.46
CA SER A 223 -2.57 18.73 -15.11
C SER A 223 -2.80 18.16 -16.48
N GLN A 224 -1.80 17.50 -17.04
CA GLN A 224 -1.95 16.90 -18.34
C GLN A 224 -2.23 15.42 -18.34
N VAL A 225 -2.23 14.80 -17.17
CA VAL A 225 -2.45 13.37 -17.11
C VAL A 225 -3.79 12.85 -17.52
N TYR A 226 -4.84 13.50 -17.06
CA TYR A 226 -6.14 13.01 -17.35
C TYR A 226 -6.42 13.06 -18.85
N GLU A 227 -6.03 14.15 -19.47
CA GLU A 227 -6.27 14.33 -20.88
C GLU A 227 -5.54 13.28 -21.69
N LEU A 228 -4.30 12.99 -21.31
CA LEU A 228 -3.54 11.98 -22.00
C LEU A 228 -4.19 10.63 -21.91
N LEU A 229 -4.66 10.27 -20.74
CA LEU A 229 -5.37 9.03 -20.57
C LEU A 229 -6.64 8.96 -21.38
N GLU A 230 -7.37 10.07 -21.44
CA GLU A 230 -8.62 10.11 -22.15
C GLU A 230 -8.42 9.90 -23.64
N LYS A 231 -7.29 10.37 -24.14
CA LYS A 231 -6.90 10.21 -25.52
C LYS A 231 -6.37 8.80 -25.83
N ASP A 232 -6.37 7.95 -24.83
CA ASP A 232 -5.97 6.56 -24.97
C ASP A 232 -4.45 6.33 -24.96
N TYR A 233 -3.69 7.32 -24.51
CA TYR A 233 -2.25 7.18 -24.28
C TYR A 233 -1.98 6.44 -22.96
N ARG A 234 -0.92 5.65 -22.93
CA ARG A 234 -0.49 4.90 -21.74
C ARG A 234 1.03 4.86 -21.63
N MET A 235 1.58 4.66 -20.43
CA MET A 235 2.94 4.53 -20.31
CA MET A 235 2.96 4.53 -20.31
C MET A 235 3.42 3.32 -21.12
N GLU A 236 4.62 3.51 -21.59
CA GLU A 236 5.37 2.50 -22.34
C GLU A 236 5.97 1.40 -21.53
N ARG A 237 6.23 0.27 -22.18
CA ARG A 237 6.84 -0.87 -21.51
CA ARG A 237 6.83 -0.87 -21.52
C ARG A 237 8.20 -0.49 -21.01
N PRO A 238 8.54 -0.77 -19.77
CA PRO A 238 9.86 -0.43 -19.25
C PRO A 238 10.93 -1.37 -19.79
N GLU A 239 12.16 -0.92 -19.81
CA GLU A 239 13.21 -1.75 -20.29
C GLU A 239 13.27 -2.95 -19.41
N GLY A 240 13.39 -4.12 -20.00
CA GLY A 240 13.56 -5.30 -19.22
C GLY A 240 12.31 -5.86 -18.61
N CYS A 241 11.17 -5.25 -18.87
CA CYS A 241 9.92 -5.78 -18.39
C CYS A 241 9.38 -6.80 -19.33
N PRO A 242 9.02 -7.94 -18.82
CA PRO A 242 8.53 -9.00 -19.66
C PRO A 242 7.25 -8.58 -20.33
N GLU A 243 7.07 -8.95 -21.58
CA GLU A 243 5.96 -8.44 -22.34
C GLU A 243 4.67 -8.82 -21.72
N LYS A 244 4.57 -10.00 -21.16
CA LYS A 244 3.36 -10.46 -20.52
C LYS A 244 2.96 -9.66 -19.28
N VAL A 245 3.96 -9.25 -18.53
CA VAL A 245 3.73 -8.34 -17.44
C VAL A 245 3.23 -6.97 -17.97
N TYR A 246 3.80 -6.49 -19.05
CA TYR A 246 3.31 -5.25 -19.65
C TYR A 246 1.87 -5.39 -20.13
N GLU A 247 1.53 -6.53 -20.67
CA GLU A 247 0.19 -6.75 -21.11
C GLU A 247 -0.77 -6.64 -19.95
N LEU A 248 -0.32 -7.14 -18.82
CA LEU A 248 -1.10 -7.10 -17.64
C LEU A 248 -1.27 -5.66 -17.17
N MET A 249 -0.21 -4.88 -17.24
CA MET A 249 -0.31 -3.50 -16.82
C MET A 249 -1.36 -2.82 -17.67
N ARG A 250 -1.29 -3.08 -18.97
CA ARG A 250 -2.20 -2.44 -19.91
C ARG A 250 -3.65 -2.80 -19.67
N ALA A 251 -3.90 -4.06 -19.30
CA ALA A 251 -5.23 -4.48 -18.94
C ALA A 251 -5.75 -3.73 -17.72
N CYS A 252 -4.86 -3.50 -16.78
CA CYS A 252 -5.18 -2.77 -15.55
C CYS A 252 -5.60 -1.34 -15.88
N TRP A 253 -5.09 -0.83 -16.99
CA TRP A 253 -5.32 0.55 -17.41
C TRP A 253 -6.42 0.71 -18.46
N GLN A 254 -7.35 -0.23 -18.55
CA GLN A 254 -8.46 -0.07 -19.48
C GLN A 254 -9.33 1.10 -19.00
N TRP A 255 -9.84 1.89 -19.93
CA TRP A 255 -10.63 3.06 -19.56
C TRP A 255 -11.89 2.70 -18.80
N ASN A 256 -12.59 1.70 -19.23
CA ASN A 256 -13.77 1.29 -18.55
C ASN A 256 -13.34 0.32 -17.48
N PRO A 257 -13.79 0.56 -16.27
CA PRO A 257 -13.44 -0.24 -15.11
C PRO A 257 -13.87 -1.70 -15.25
N SER A 258 -14.97 -1.88 -15.93
CA SER A 258 -15.58 -3.16 -16.14
C SER A 258 -14.65 -4.07 -16.94
N ASP A 259 -13.87 -3.46 -17.80
CA ASP A 259 -12.96 -4.17 -18.65
C ASP A 259 -11.62 -4.56 -18.00
N ARG A 260 -11.35 -4.07 -16.79
CA ARG A 260 -10.16 -4.42 -16.06
C ARG A 260 -10.31 -5.77 -15.40
N PRO A 261 -9.22 -6.49 -15.25
CA PRO A 261 -9.28 -7.78 -14.59
C PRO A 261 -9.52 -7.63 -13.13
N SER A 262 -10.04 -8.66 -12.50
CA SER A 262 -10.11 -8.74 -11.07
C SER A 262 -8.75 -9.10 -10.55
N PHE A 263 -8.56 -8.84 -9.28
CA PHE A 263 -7.36 -9.23 -8.63
C PHE A 263 -7.21 -10.74 -8.62
N ALA A 264 -8.33 -11.45 -8.58
CA ALA A 264 -8.31 -12.90 -8.67
C ALA A 264 -7.74 -13.30 -10.02
N GLU A 265 -8.21 -12.66 -11.08
CA GLU A 265 -7.67 -12.99 -12.39
CA GLU A 265 -7.72 -13.02 -12.38
C GLU A 265 -6.23 -12.63 -12.44
N ILE A 266 -5.85 -11.52 -11.83
CA ILE A 266 -4.46 -11.07 -11.96
C ILE A 266 -3.50 -12.04 -11.28
N HIS A 267 -3.89 -12.52 -10.11
CA HIS A 267 -3.06 -13.47 -9.38
C HIS A 267 -2.95 -14.76 -10.16
N GLN A 268 -4.06 -15.19 -10.76
CA GLN A 268 -4.10 -16.37 -11.61
C GLN A 268 -3.21 -16.22 -12.83
N ALA A 269 -3.20 -15.02 -13.41
CA ALA A 269 -2.40 -14.76 -14.58
C ALA A 269 -0.93 -14.92 -14.28
N PHE A 270 -0.52 -14.45 -13.11
CA PHE A 270 0.89 -14.51 -12.75
C PHE A 270 1.39 -15.95 -12.67
N GLU A 271 0.58 -16.83 -12.09
CA GLU A 271 1.01 -18.21 -11.96
C GLU A 271 1.19 -18.93 -13.29
N THR A 272 0.15 -18.70 -14.09
N THR A 272 0.01 -18.65 -14.15
CA THR A 272 0.02 -19.25 -15.43
CA THR A 272 -0.07 -19.27 -15.47
C THR A 272 0.99 -18.73 -16.49
C THR A 272 0.91 -18.77 -16.51
N MET A 273 1.24 -17.43 -16.44
N MET A 273 1.03 -17.46 -16.61
CA MET A 273 1.69 -16.66 -17.60
CA MET A 273 2.08 -16.84 -17.40
C MET A 273 2.99 -17.13 -18.20
C MET A 273 3.29 -17.27 -16.61
N PHE A 274 3.92 -17.58 -17.37
N PHE A 274 3.09 -17.23 -15.30
CA PHE A 274 5.23 -18.00 -17.84
CA PHE A 274 4.10 -17.48 -14.29
C PHE A 274 5.28 -19.53 -18.05
C PHE A 274 4.94 -16.23 -14.05
N GLN A 275 4.10 -20.14 -18.09
CA GLN A 275 3.96 -21.56 -18.40
C GLN A 275 3.90 -22.45 -17.19
N GLU A 276 3.96 -21.85 -16.01
CA GLU A 276 4.02 -22.62 -14.78
C GLU A 276 5.08 -22.01 -13.86
CAX 66K B . -7.05 1.02 3.51
CAV 66K B . -8.01 2.17 3.25
NBN 66K B . -9.25 1.66 2.69
CAB 66K B . -10.17 2.76 2.42
CAW 66K B . -9.82 0.65 3.53
CAY 66K B . -8.87 -0.48 3.74
NBO 66K B . -7.62 -0.03 4.29
CAZ 66K B . -6.73 -1.14 4.64
CBJ 66K B . -5.58 -0.78 5.36
CBL 66K B . -4.36 -1.38 5.11
CBQ 66K B . -4.26 -2.41 4.13
FAF 66K B . -3.06 -2.97 4.20
FAG 66K B . -4.42 -1.89 2.91
FAE 66K B . -5.20 -3.33 4.34
CAQ 66K B . -3.24 -0.97 5.83
CAN 66K B . -5.64 0.19 6.34
CAM 66K B . -4.51 0.58 7.03
CBI 66K B . -3.27 0.02 6.82
CBD 66K B . -2.12 0.43 7.54
OAC 66K B . -1.02 0.22 7.10
NBB 66K B . -2.26 1.17 8.64
CBG 66K B . -1.23 1.50 9.43
CAP 66K B . 0.10 1.74 9.07
CAL 66K B . -1.49 1.58 10.78
CAK 66K B . -0.51 1.89 11.68
CBF 66K B . 0.77 2.13 11.31
CAA 66K B . 1.72 2.41 12.22
CBK 66K B . 1.09 2.06 10.00
OBC 66K B . 2.36 2.34 9.76
CBM 66K B . 2.90 2.01 8.49
CAS 66K B . 3.13 0.55 8.32
CAU 66K B . 4.22 0.00 9.21
CAR 66K B . 4.16 2.71 8.29
CAT 66K B . 5.27 2.17 9.15
NBP 66K B . 5.42 0.74 9.08
CBE 66K B . 6.60 0.13 8.93
OAD 66K B . 6.69 -1.06 8.94
CBH 66K B . 7.76 0.85 8.66
CAJ 66K B . 7.80 1.77 7.65
CAH 66K B . 8.89 2.49 7.29
CAI 66K B . 10.06 2.29 7.94
NBA 66K B . 10.06 1.33 8.93
CAO 66K B . 8.96 0.62 9.27
CAX 66K C . -13.68 17.32 -14.94
CAV 66K C . -14.95 17.33 -14.14
NBN 66K C . -16.07 16.71 -14.84
CAB 66K C . -17.30 16.61 -14.03
CAW 66K C . -15.73 15.41 -15.33
CAY 66K C . -14.53 15.48 -16.20
NBO 66K C . -13.39 16.00 -15.44
CAZ 66K C . -12.12 15.88 -16.12
CBJ 66K C . -11.00 16.11 -15.37
CBL 66K C . -10.01 16.88 -15.89
CBQ 66K C . -10.15 17.48 -17.18
FAF 66K C . -8.97 17.91 -17.60
FAG 66K C . -11.00 18.50 -17.09
FAE 66K C . -10.62 16.58 -18.02
CAQ 66K C . -8.84 17.10 -15.14
CAN 66K C . -10.85 15.52 -14.13
CAM 66K C . -9.67 15.78 -13.42
CBI 66K C . -8.66 16.54 -13.90
CBD 66K C . -7.48 16.81 -13.17
OAC 66K C . -6.49 17.10 -13.77
NBB 66K C . -7.59 16.76 -11.81
CBG 66K C . -6.62 17.07 -10.95
CAP 66K C . -6.94 17.28 -9.62
CAL 66K C . -5.31 17.28 -11.31
CAK 66K C . -4.37 17.65 -10.35
CBF 66K C . -4.72 17.84 -9.04
CAA 66K C . -3.74 18.19 -8.10
CBK 66K C . -6.01 17.65 -8.67
OBC 66K C . -6.30 17.84 -7.38
CBM 66K C . -7.59 17.82 -6.96
CAS 66K C . -7.78 18.65 -5.65
CAU 66K C . -9.16 18.53 -5.06
CAR 66K C . -7.99 16.42 -6.64
CAT 66K C . -9.35 16.36 -6.07
NBP 66K C . -9.46 17.14 -4.84
CBE 66K C . -9.62 16.59 -3.64
OAD 66K C . -9.76 15.41 -3.47
CBH 66K C . -9.69 17.33 -2.48
CAJ 66K C . -10.67 18.27 -2.32
CAH 66K C . -10.78 18.96 -1.13
CAI 66K C . -9.91 18.70 -0.09
NBA 66K C . -8.93 17.74 -0.26
CAO 66K C . -8.86 17.05 -1.44
C1 EDO D . 6.13 6.70 2.60
O1 EDO D . 6.75 5.85 1.66
C2 EDO D . 4.94 7.39 1.94
O2 EDO D . 5.40 8.43 1.08
C1 EDO E . -2.54 -2.56 34.22
O1 EDO E . -1.41 -2.76 33.39
C2 EDO E . -2.31 -1.33 35.05
O2 EDO E . -1.13 -1.50 35.82
C1 EDO F . 4.52 10.92 20.62
O1 EDO F . 5.03 12.04 19.89
C2 EDO F . 3.06 10.67 20.22
O2 EDO F . 2.24 10.46 21.38
C1 EDO G . -1.99 -7.69 23.40
O1 EDO G . -2.32 -6.48 24.04
C2 EDO G . -2.65 -7.69 22.03
O2 EDO G . -3.16 -6.40 21.80
C1 EDO H . 16.25 -5.97 -13.28
O1 EDO H . 17.62 -5.67 -13.12
C2 EDO H . 15.85 -5.93 -14.76
O2 EDO H . 15.19 -4.72 -15.08
C1 EDO I . 3.42 -17.47 -9.57
O1 EDO I . 3.85 -18.78 -9.91
C2 EDO I . 3.66 -17.23 -8.10
O2 EDO I . 2.70 -17.96 -7.35
C1 EDO J . -5.65 -10.53 -17.41
O1 EDO J . -5.44 -11.41 -16.32
C2 EDO J . -4.47 -9.59 -17.62
O2 EDO J . -3.83 -9.77 -18.88
C1 EDO K . -17.11 0.57 -4.39
O1 EDO K . -17.58 0.01 -5.61
C2 EDO K . -17.32 2.07 -4.44
O2 EDO K . -17.08 2.55 -5.75
C1 EDO L . 18.51 -2.18 1.25
O1 EDO L . 18.98 -2.90 0.12
C2 EDO L . 17.82 -0.90 0.81
O2 EDO L . 17.47 -0.99 -0.56
C1 EDO M . 17.56 -6.74 1.93
O1 EDO M . 16.92 -7.22 0.78
C2 EDO M . 18.81 -5.94 1.53
O2 EDO M . 19.96 -6.78 1.36
C1 EDO N . 4.62 -21.58 -21.81
O1 EDO N . 4.78 -21.05 -23.14
C2 EDO N . 4.24 -23.05 -21.91
O2 EDO N . 2.85 -23.24 -21.65
C1 EDO O . 14.78 -1.87 22.88
O1 EDO O . 14.30 -2.91 23.72
C2 EDO O . 14.86 -2.36 21.44
O2 EDO O . 16.18 -2.12 20.95
CL CL P . -4.48 17.81 18.24
#